data_9NSZ
#
_entry.id   9NSZ
#
_cell.length_a   82.771
_cell.length_b   82.771
_cell.length_c   86.045
_cell.angle_alpha   90.00
_cell.angle_beta   90.00
_cell.angle_gamma   90.00
#
_symmetry.space_group_name_H-M   'P 42 21 2'
#
loop_
_entity.id
_entity.type
_entity.pdbx_description
1 polymer 'Beta-lactamase OXA-23'
2 non-polymer '(5R)-3-{[(3S,5S)-5-(dimethylcarbamoyl)pyrrolidin-3-yl]sulfanyl}-5-[(2S,3R)-3-hydroxy-1-oxobutan-2-yl]-5-methyl-4,5-dihydro-1H-pyrrole-2-carboxylic acid'
3 non-polymer 'SULFATE ION'
4 non-polymer 1,2-ETHANEDIOL
5 water water
#
_entity_poly.entity_id   1
_entity_poly.type   'polypeptide(L)'
_entity_poly.pdbx_seq_one_letter_code
;MNKYFTCYVVASLFLSGCTVQHNLINETPSQIVQGHNQVIHQYFDEKNTSGVLVIQTDKKINLYGNALSRANTEYVPAST
F(KCX)MLNALIGLENQKTDINEIFKWKGEKRSFTAWEKDMTLGEAMKLSAVPVYQELARRIGLDLMQKEVKRIGFGNAE
IGQQVDNFWLVGPLKVTPIQEVEFVSQLAHTQLPFSEKVQANVKNMLLLEESNGYKIFGKTGWAMDIKPQVGWLTGWVEQ
PDGKIVAFALNMEMRSEMPASIRNELLMKSLKQLNII
;
_entity_poly.pdbx_strand_id   A
#
# COMPACT_ATOMS: atom_id res chain seq x y z
N THR A 28 -7.01 32.37 36.13
CA THR A 28 -6.24 31.48 35.27
C THR A 28 -7.15 30.59 34.42
N PRO A 29 -7.01 30.67 33.10
CA PRO A 29 -7.80 29.82 32.21
C PRO A 29 -7.27 28.39 32.19
N SER A 30 -8.13 27.49 31.72
CA SER A 30 -7.70 26.14 31.40
C SER A 30 -6.93 26.15 30.08
N GLN A 31 -6.11 25.12 29.90
CA GLN A 31 -5.30 24.93 28.72
C GLN A 31 -5.60 23.54 28.16
N ILE A 32 -5.97 23.46 26.90
CA ILE A 32 -6.20 22.15 26.30
C ILE A 32 -4.86 21.58 25.85
N VAL A 33 -4.52 20.40 26.37
CA VAL A 33 -3.21 19.81 26.14
C VAL A 33 -3.37 18.72 25.09
N GLN A 34 -2.80 18.98 23.90
CA GLN A 34 -2.96 18.12 22.72
C GLN A 34 -1.78 17.15 22.65
N GLY A 35 -2.03 15.87 22.85
CA GLY A 35 -1.04 14.86 22.55
C GLY A 35 -1.19 14.36 21.13
N HIS A 36 -0.21 13.58 20.67
CA HIS A 36 -0.26 13.14 19.28
C HIS A 36 -1.47 12.25 19.00
N ASN A 37 -1.97 11.53 20.00
CA ASN A 37 -3.21 10.76 19.84
C ASN A 37 -4.37 11.68 19.49
N GLN A 38 -4.58 12.72 20.29
CA GLN A 38 -5.66 13.66 20.02
C GLN A 38 -5.46 14.37 18.69
N VAL A 39 -4.21 14.75 18.40
CA VAL A 39 -3.94 15.51 17.18
C VAL A 39 -4.30 14.70 15.94
N ILE A 40 -3.85 13.44 15.90
CA ILE A 40 -4.08 12.63 14.70
C ILE A 40 -5.57 12.32 14.55
N HIS A 41 -6.24 12.01 15.67
CA HIS A 41 -7.70 11.85 15.66
C HIS A 41 -8.37 13.05 15.00
N GLN A 42 -7.94 14.25 15.38
CA GLN A 42 -8.58 15.45 14.85
C GLN A 42 -8.16 15.76 13.42
N TYR A 43 -6.98 15.31 13.00
CA TYR A 43 -6.60 15.43 11.59
C TYR A 43 -7.66 14.79 10.69
N PHE A 44 -8.13 13.60 11.04
CA PHE A 44 -9.14 12.93 10.23
C PHE A 44 -10.50 13.62 10.36
N ASP A 45 -10.85 14.07 11.55
CA ASP A 45 -12.09 14.82 11.75
C ASP A 45 -12.13 16.05 10.86
N GLU A 46 -11.01 16.76 10.76
CA GLU A 46 -10.95 17.99 9.98
C GLU A 46 -11.24 17.75 8.50
N LYS A 47 -10.95 16.54 8.00
CA LYS A 47 -11.26 16.16 6.63
C LYS A 47 -12.65 15.51 6.51
N ASN A 48 -13.43 15.49 7.59
CA ASN A 48 -14.79 14.97 7.59
C ASN A 48 -14.85 13.54 7.06
N THR A 49 -13.96 12.68 7.54
CA THR A 49 -14.00 11.29 7.15
C THR A 49 -13.41 10.41 8.25
N SER A 50 -13.52 9.10 8.06
CA SER A 50 -13.07 8.10 9.02
C SER A 50 -11.78 7.48 8.53
N GLY A 51 -10.80 7.38 9.42
CA GLY A 51 -9.53 6.78 9.05
C GLY A 51 -8.77 6.25 10.24
N VAL A 52 -7.83 5.36 9.96
CA VAL A 52 -6.92 4.82 10.95
C VAL A 52 -5.51 4.88 10.36
N LEU A 53 -4.53 5.05 11.24
CA LEU A 53 -3.12 4.96 10.89
C LEU A 53 -2.52 3.90 11.79
N VAL A 54 -2.08 2.78 11.20
CA VAL A 54 -1.42 1.70 11.92
C VAL A 54 0.08 1.90 11.80
N ILE A 55 0.79 1.84 12.91
CA ILE A 55 2.24 2.00 12.94
C ILE A 55 2.83 0.73 13.53
N GLN A 56 3.92 0.23 12.93
CA GLN A 56 4.65 -0.89 13.53
C GLN A 56 6.14 -0.62 13.54
N THR A 57 6.76 -0.83 14.70
CA THR A 57 8.22 -0.80 14.77
C THR A 57 8.63 -1.67 15.94
N ASP A 58 9.74 -2.38 15.79
CA ASP A 58 10.24 -3.31 16.81
C ASP A 58 9.14 -4.29 17.24
N LYS A 59 8.38 -4.77 16.26
CA LYS A 59 7.33 -5.78 16.45
C LYS A 59 6.23 -5.29 17.40
N LYS A 60 6.07 -3.98 17.55
CA LYS A 60 5.00 -3.39 18.35
C LYS A 60 4.12 -2.57 17.43
N ILE A 61 2.81 -2.72 17.56
CA ILE A 61 1.83 -2.03 16.72
C ILE A 61 1.07 -1.03 17.57
N ASN A 62 0.96 0.22 17.10
CA ASN A 62 0.14 1.25 17.72
C ASN A 62 -0.89 1.75 16.71
N LEU A 63 -2.08 2.11 17.19
CA LEU A 63 -3.17 2.60 16.34
C LEU A 63 -3.45 4.07 16.62
N TYR A 64 -3.62 4.85 15.55
CA TYR A 64 -3.97 6.27 15.65
C TYR A 64 -5.10 6.59 14.68
N GLY A 65 -5.77 7.73 14.89
CA GLY A 65 -6.82 8.19 14.01
C GLY A 65 -8.16 8.31 14.73
N ASN A 66 -9.20 8.61 13.95
CA ASN A 66 -10.52 8.80 14.55
C ASN A 66 -11.43 7.58 14.41
N ALA A 67 -10.97 6.51 13.75
CA ALA A 67 -11.79 5.32 13.55
C ALA A 67 -10.90 4.09 13.74
N LEU A 68 -10.52 3.83 14.99
CA LEU A 68 -9.59 2.73 15.26
C LEU A 68 -10.17 1.38 14.92
N SER A 69 -11.50 1.25 14.87
CA SER A 69 -12.07 -0.04 14.52
C SER A 69 -11.81 -0.43 13.07
N ARG A 70 -11.38 0.52 12.22
CA ARG A 70 -10.96 0.18 10.87
C ARG A 70 -9.74 -0.75 10.84
N ALA A 71 -8.91 -0.69 11.90
CA ALA A 71 -7.62 -1.40 11.86
C ALA A 71 -7.82 -2.89 11.68
N ASN A 72 -8.89 -3.43 12.23
CA ASN A 72 -9.20 -4.85 12.18
C ASN A 72 -10.41 -5.16 11.28
N THR A 73 -10.75 -4.25 10.36
CA THR A 73 -11.81 -4.44 9.38
C THR A 73 -11.19 -4.79 8.03
N GLU A 74 -11.79 -5.73 7.32
CA GLU A 74 -11.28 -6.13 6.00
C GLU A 74 -11.74 -5.17 4.92
N TYR A 75 -10.82 -4.76 4.05
CA TYR A 75 -11.14 -3.96 2.87
C TYR A 75 -10.46 -4.56 1.64
N VAL A 76 -10.97 -4.22 0.46
CA VAL A 76 -10.24 -4.64 -0.74
C VAL A 76 -8.89 -3.94 -0.76
N PRO A 77 -7.79 -4.62 -1.15
CA PRO A 77 -6.48 -3.95 -1.13
C PRO A 77 -6.31 -2.92 -2.23
N ALA A 78 -7.08 -3.01 -3.32
CA ALA A 78 -6.91 -2.13 -4.47
C ALA A 78 -5.46 -2.11 -4.92
N SER A 79 -4.92 -0.92 -5.24
CA SER A 79 -3.59 -0.84 -5.82
C SER A 79 -2.47 -1.29 -4.87
N THR A 80 -2.73 -1.42 -3.56
CA THR A 80 -1.66 -1.94 -2.71
C THR A 80 -1.31 -3.38 -3.08
N PHE A 81 -2.22 -4.10 -3.74
CA PHE A 81 -1.91 -5.47 -4.11
C PHE A 81 -0.76 -5.55 -5.14
CA LYS A 82 0.68 -4.44 -6.76
N MET A 83 2.14 -4.65 -4.82
CA MET A 83 3.36 -5.08 -4.13
C MET A 83 3.47 -6.60 -4.17
N LEU A 84 2.36 -7.28 -3.87
CA LEU A 84 2.42 -8.74 -3.84
C LEU A 84 2.40 -9.33 -5.24
N ASN A 85 1.66 -8.70 -6.15
CA ASN A 85 1.70 -9.10 -7.55
C ASN A 85 3.15 -9.11 -8.06
N ALA A 86 3.90 -8.05 -7.79
CA ALA A 86 5.27 -7.98 -8.26
C ALA A 86 6.14 -9.05 -7.62
N LEU A 87 5.97 -9.28 -6.31
CA LEU A 87 6.78 -10.30 -5.64
C LEU A 87 6.52 -11.67 -6.27
N ILE A 88 5.25 -12.00 -6.47
CA ILE A 88 4.89 -13.30 -7.02
C ILE A 88 5.40 -13.44 -8.45
N GLY A 89 5.25 -12.38 -9.25
CA GLY A 89 5.70 -12.46 -10.64
C GLY A 89 7.20 -12.62 -10.76
N LEU A 90 7.96 -11.89 -9.95
CA LEU A 90 9.41 -11.99 -10.01
C LEU A 90 9.89 -13.33 -9.46
N GLU A 91 9.31 -13.75 -8.34
CA GLU A 91 9.71 -15.00 -7.71
C GLU A 91 9.50 -16.18 -8.65
N ASN A 92 8.35 -16.21 -9.32
CA ASN A 92 8.03 -17.30 -10.23
C ASN A 92 8.50 -17.03 -11.67
N GLN A 93 9.38 -16.05 -11.84
CA GLN A 93 10.07 -15.81 -13.12
C GLN A 93 9.11 -15.59 -14.28
N LYS A 94 7.97 -14.94 -14.01
CA LYS A 94 7.07 -14.47 -15.05
C LYS A 94 7.49 -13.13 -15.62
N THR A 95 8.44 -12.45 -14.97
CA THR A 95 8.98 -11.19 -15.46
C THR A 95 10.32 -10.99 -14.77
N ASP A 96 11.01 -9.91 -15.13
CA ASP A 96 12.24 -9.51 -14.44
C ASP A 96 12.26 -7.99 -14.36
N ILE A 97 13.17 -7.47 -13.52
CA ILE A 97 13.14 -6.03 -13.25
C ILE A 97 13.57 -5.19 -14.44
N ASN A 98 14.17 -5.79 -15.47
CA ASN A 98 14.54 -5.02 -16.65
C ASN A 98 13.58 -5.17 -17.81
N GLU A 99 12.59 -6.05 -17.71
CA GLU A 99 11.66 -6.20 -18.82
C GLU A 99 10.92 -4.89 -19.06
N ILE A 100 10.77 -4.53 -20.32
CA ILE A 100 10.01 -3.35 -20.70
C ILE A 100 8.65 -3.83 -21.20
N PHE A 101 7.59 -3.52 -20.45
CA PHE A 101 6.22 -3.82 -20.84
C PHE A 101 5.75 -2.80 -21.87
N LYS A 102 5.35 -3.27 -23.04
CA LYS A 102 5.01 -2.37 -24.13
C LYS A 102 3.59 -1.87 -24.01
N TRP A 103 3.39 -0.57 -24.27
CA TRP A 103 2.04 -0.02 -24.45
C TRP A 103 1.56 -0.42 -25.84
N LYS A 104 0.51 -1.23 -25.91
CA LYS A 104 0.10 -1.82 -27.17
C LYS A 104 -0.99 -1.02 -27.89
N GLY A 105 -1.38 0.14 -27.35
CA GLY A 105 -2.15 1.10 -28.12
C GLY A 105 -3.56 1.37 -27.64
N GLU A 106 -4.05 0.72 -26.58
CA GLU A 106 -5.37 1.08 -26.06
C GLU A 106 -5.30 2.40 -25.30
N LYS A 107 -6.42 3.10 -25.27
CA LYS A 107 -6.50 4.36 -24.52
C LYS A 107 -6.47 4.04 -23.03
N ARG A 108 -5.44 4.51 -22.32
CA ARG A 108 -5.35 4.19 -20.91
C ARG A 108 -5.99 5.29 -20.07
N SER A 109 -6.17 5.00 -18.78
CA SER A 109 -6.86 5.95 -17.90
C SER A 109 -6.11 7.25 -17.75
N PHE A 110 -4.78 7.21 -17.84
CA PHE A 110 -3.95 8.41 -17.76
C PHE A 110 -2.98 8.42 -18.92
N THR A 111 -2.79 9.61 -19.52
CA THR A 111 -1.78 9.75 -20.56
C THR A 111 -0.39 9.34 -20.06
N ALA A 112 -0.10 9.63 -18.79
CA ALA A 112 1.20 9.25 -18.23
C ALA A 112 1.45 7.75 -18.30
N TRP A 113 0.41 6.93 -18.44
CA TRP A 113 0.58 5.49 -18.55
C TRP A 113 0.81 5.02 -19.98
N GLU A 114 0.67 5.91 -20.98
CA GLU A 114 0.71 5.51 -22.39
C GLU A 114 2.15 5.58 -22.90
N LYS A 115 2.95 4.64 -22.41
CA LYS A 115 4.35 4.52 -22.79
C LYS A 115 4.79 3.11 -22.42
N ASP A 116 5.90 2.68 -23.01
CA ASP A 116 6.55 1.44 -22.57
C ASP A 116 7.23 1.69 -21.23
N MET A 117 7.22 0.69 -20.34
CA MET A 117 7.80 0.93 -19.02
C MET A 117 8.13 -0.38 -18.32
N THR A 118 9.03 -0.29 -17.34
CA THR A 118 9.39 -1.45 -16.54
C THR A 118 8.35 -1.69 -15.45
N LEU A 119 8.48 -2.85 -14.78
CA LEU A 119 7.61 -3.16 -13.66
C LEU A 119 7.76 -2.12 -12.56
N GLY A 120 8.98 -1.62 -12.34
CA GLY A 120 9.19 -0.64 -11.31
C GLY A 120 8.65 0.73 -11.66
N GLU A 121 8.75 1.13 -12.93
CA GLU A 121 8.13 2.38 -13.32
C GLU A 121 6.62 2.29 -13.20
N ALA A 122 6.05 1.11 -13.53
CA ALA A 122 4.62 0.92 -13.38
C ALA A 122 4.20 0.92 -11.92
N MET A 123 5.08 0.47 -11.03
CA MET A 123 4.77 0.58 -9.60
C MET A 123 4.63 2.05 -9.20
N LYS A 124 5.61 2.88 -9.58
CA LYS A 124 5.57 4.29 -9.21
C LYS A 124 4.35 4.98 -9.78
N LEU A 125 3.99 4.67 -11.02
CA LEU A 125 2.83 5.26 -11.68
C LEU A 125 1.52 4.57 -11.30
N SER A 126 1.59 3.45 -10.59
CA SER A 126 0.43 2.61 -10.33
C SER A 126 -0.29 2.24 -11.63
N ALA A 127 0.49 1.89 -12.66
CA ALA A 127 -0.06 1.64 -14.00
C ALA A 127 -0.77 0.28 -14.03
N VAL A 128 -2.09 0.34 -13.80
CA VAL A 128 -2.92 -0.86 -13.74
C VAL A 128 -2.71 -1.84 -14.91
N PRO A 129 -2.68 -1.41 -16.17
CA PRO A 129 -2.60 -2.42 -17.25
C PRO A 129 -1.32 -3.23 -17.23
N VAL A 130 -0.20 -2.67 -16.74
CA VAL A 130 1.01 -3.48 -16.64
C VAL A 130 0.80 -4.60 -15.62
N TYR A 131 0.15 -4.28 -14.50
CA TYR A 131 -0.06 -5.29 -13.47
C TYR A 131 -1.18 -6.25 -13.83
N GLN A 132 -2.13 -5.83 -14.67
CA GLN A 132 -3.08 -6.79 -15.22
C GLN A 132 -2.39 -7.77 -16.15
N GLU A 133 -1.46 -7.28 -16.98
CA GLU A 133 -0.70 -8.18 -17.84
C GLU A 133 0.10 -9.18 -17.01
N LEU A 134 0.74 -8.70 -15.94
CA LEU A 134 1.52 -9.59 -15.08
C LEU A 134 0.62 -10.62 -14.41
N ALA A 135 -0.54 -10.18 -13.91
CA ALA A 135 -1.43 -11.12 -13.21
C ALA A 135 -1.87 -12.24 -14.15
N ARG A 136 -2.18 -11.88 -15.40
CA ARG A 136 -2.58 -12.90 -16.37
C ARG A 136 -1.42 -13.83 -16.72
N ARG A 137 -0.17 -13.34 -16.72
CA ARG A 137 0.97 -14.23 -16.91
C ARG A 137 1.09 -15.23 -15.76
N ILE A 138 0.95 -14.75 -14.53
CA ILE A 138 0.99 -15.65 -13.38
C ILE A 138 -0.12 -16.71 -13.51
N GLY A 139 -1.32 -16.27 -13.84
CA GLY A 139 -2.45 -17.19 -14.01
C GLY A 139 -3.17 -17.45 -12.70
N LEU A 140 -4.46 -17.76 -12.83
CA LEU A 140 -5.31 -17.90 -11.65
C LEU A 140 -4.78 -18.98 -10.71
N ASP A 141 -4.37 -20.13 -11.26
CA ASP A 141 -3.95 -21.24 -10.42
C ASP A 141 -2.74 -20.86 -9.56
N LEU A 142 -1.65 -20.44 -10.20
CA LEU A 142 -0.45 -20.04 -9.47
C LEU A 142 -0.71 -18.86 -8.53
N MET A 143 -1.52 -17.89 -8.98
CA MET A 143 -1.80 -16.74 -8.13
C MET A 143 -2.50 -17.16 -6.84
N GLN A 144 -3.51 -18.03 -6.96
CA GLN A 144 -4.23 -18.45 -5.77
C GLN A 144 -3.33 -19.25 -4.82
N LYS A 145 -2.45 -20.10 -5.38
CA LYS A 145 -1.58 -20.89 -4.52
C LYS A 145 -0.57 -20.00 -3.80
N GLU A 146 -0.02 -19.02 -4.50
CA GLU A 146 0.94 -18.12 -3.88
C GLU A 146 0.27 -17.22 -2.85
N VAL A 147 -0.94 -16.72 -3.14
CA VAL A 147 -1.61 -15.86 -2.19
C VAL A 147 -1.96 -16.64 -0.92
N LYS A 148 -2.40 -17.90 -1.06
CA LYS A 148 -2.64 -18.76 0.10
C LYS A 148 -1.35 -19.09 0.84
N ARG A 149 -0.26 -19.34 0.09
CA ARG A 149 1.00 -19.68 0.75
C ARG A 149 1.48 -18.53 1.63
N ILE A 150 1.33 -17.30 1.14
CA ILE A 150 1.69 -16.09 1.89
C ILE A 150 0.68 -15.83 3.01
N GLY A 151 -0.56 -16.27 2.86
CA GLY A 151 -1.62 -15.93 3.79
C GLY A 151 -1.97 -14.44 3.81
N PHE A 152 -2.12 -13.83 2.63
CA PHE A 152 -2.40 -12.41 2.53
C PHE A 152 -3.89 -12.16 2.71
N GLY A 153 -4.28 -11.49 3.80
CA GLY A 153 -5.68 -11.17 4.00
C GLY A 153 -6.53 -12.40 4.16
N ASN A 154 -7.72 -12.40 3.55
CA ASN A 154 -8.56 -13.59 3.56
C ASN A 154 -8.09 -14.63 2.54
N ALA A 155 -7.10 -14.28 1.72
CA ALA A 155 -6.41 -15.21 0.81
C ALA A 155 -7.36 -15.84 -0.20
N GLU A 156 -8.43 -15.14 -0.56
CA GLU A 156 -9.42 -15.63 -1.51
C GLU A 156 -9.35 -14.76 -2.77
N ILE A 157 -9.14 -15.37 -3.93
CA ILE A 157 -9.06 -14.60 -5.16
C ILE A 157 -10.17 -14.93 -6.16
N GLY A 158 -10.93 -16.01 -5.98
CA GLY A 158 -12.05 -16.22 -6.88
C GLY A 158 -11.61 -16.68 -8.27
N GLN A 159 -12.42 -16.33 -9.28
CA GLN A 159 -12.20 -16.83 -10.63
C GLN A 159 -11.79 -15.77 -11.65
N GLN A 160 -11.60 -14.51 -11.25
CA GLN A 160 -11.33 -13.44 -12.21
C GLN A 160 -9.93 -12.89 -11.90
N VAL A 161 -8.95 -13.28 -12.73
CA VAL A 161 -7.56 -13.08 -12.38
C VAL A 161 -7.09 -11.64 -12.52
N ASP A 162 -7.86 -10.78 -13.18
CA ASP A 162 -7.41 -9.43 -13.49
C ASP A 162 -8.07 -8.35 -12.64
N ASN A 163 -8.92 -8.71 -11.68
CA ASN A 163 -9.52 -7.67 -10.85
C ASN A 163 -9.88 -8.15 -9.45
N PHE A 164 -9.37 -9.30 -9.00
CA PHE A 164 -9.81 -9.85 -7.72
C PHE A 164 -9.37 -8.99 -6.55
N TRP A 165 -8.39 -8.12 -6.73
CA TRP A 165 -7.91 -7.24 -5.67
C TRP A 165 -8.68 -5.91 -5.64
N LEU A 166 -9.65 -5.72 -6.53
CA LEU A 166 -10.37 -4.45 -6.60
CA LEU A 166 -10.40 -4.47 -6.68
C LEU A 166 -11.85 -4.56 -6.27
N VAL A 167 -12.53 -5.62 -6.67
CA VAL A 167 -13.98 -5.71 -6.48
C VAL A 167 -14.35 -6.94 -5.66
N GLY A 168 -13.44 -7.39 -4.81
CA GLY A 168 -13.60 -8.66 -4.14
C GLY A 168 -13.20 -9.79 -5.05
N PRO A 169 -13.02 -10.99 -4.48
CA PRO A 169 -13.30 -11.35 -3.09
C PRO A 169 -12.12 -11.11 -2.15
N LEU A 170 -10.94 -10.75 -2.66
CA LEU A 170 -9.78 -10.58 -1.79
C LEU A 170 -9.97 -9.37 -0.88
N LYS A 171 -9.77 -9.58 0.42
CA LYS A 171 -9.85 -8.47 1.37
C LYS A 171 -8.74 -8.64 2.40
N VAL A 172 -8.36 -7.53 3.02
CA VAL A 172 -7.23 -7.52 3.96
C VAL A 172 -7.46 -6.39 4.97
N THR A 173 -6.99 -6.60 6.23
CA THR A 173 -7.14 -5.52 7.19
C THR A 173 -5.92 -4.61 7.17
N PRO A 174 -6.06 -3.37 7.68
CA PRO A 174 -4.87 -2.50 7.78
C PRO A 174 -3.78 -3.09 8.64
N ILE A 175 -4.14 -3.78 9.73
CA ILE A 175 -3.14 -4.46 10.54
C ILE A 175 -2.40 -5.51 9.71
N GLN A 176 -3.14 -6.33 8.96
CA GLN A 176 -2.48 -7.28 8.06
C GLN A 176 -1.57 -6.58 7.05
N GLU A 177 -1.96 -5.40 6.56
CA GLU A 177 -1.11 -4.71 5.59
C GLU A 177 0.18 -4.19 6.26
N VAL A 178 0.10 -3.69 7.50
CA VAL A 178 1.33 -3.23 8.15
C VAL A 178 2.24 -4.41 8.46
N GLU A 179 1.65 -5.56 8.83
CA GLU A 179 2.47 -6.74 9.10
C GLU A 179 3.19 -7.18 7.83
N PHE A 180 2.46 -7.22 6.71
CA PHE A 180 3.03 -7.57 5.41
C PHE A 180 4.15 -6.61 4.99
N VAL A 181 3.88 -5.31 5.01
CA VAL A 181 4.87 -4.39 4.49
C VAL A 181 6.09 -4.31 5.42
N SER A 182 5.88 -4.51 6.74
CA SER A 182 7.04 -4.54 7.63
C SER A 182 7.93 -5.76 7.34
N GLN A 183 7.32 -6.91 7.05
CA GLN A 183 8.10 -8.08 6.66
C GLN A 183 8.85 -7.80 5.37
N LEU A 184 8.19 -7.18 4.40
CA LEU A 184 8.87 -6.80 3.15
C LEU A 184 10.08 -5.92 3.45
N ALA A 185 9.88 -4.86 4.25
CA ALA A 185 10.96 -3.95 4.60
C ALA A 185 12.15 -4.67 5.23
N HIS A 186 11.88 -5.70 6.03
CA HIS A 186 12.91 -6.48 6.70
C HIS A 186 13.39 -7.67 5.89
N THR A 187 12.90 -7.81 4.65
CA THR A 187 13.23 -8.95 3.81
CA THR A 187 13.14 -8.95 3.76
C THR A 187 12.93 -10.27 4.51
N GLN A 188 11.81 -10.33 5.22
CA GLN A 188 11.40 -11.51 5.98
C GLN A 188 10.21 -12.24 5.38
N LEU A 189 9.64 -11.76 4.28
CA LEU A 189 8.59 -12.52 3.61
C LEU A 189 9.16 -13.84 3.07
N PRO A 190 8.30 -14.84 2.83
CA PRO A 190 8.78 -16.09 2.22
C PRO A 190 8.95 -15.98 0.71
N PHE A 191 9.84 -15.08 0.30
CA PHE A 191 10.33 -14.96 -1.07
C PHE A 191 11.85 -14.86 -1.00
N SER A 192 12.51 -14.95 -2.15
CA SER A 192 13.96 -14.79 -2.14
C SER A 192 14.32 -13.37 -1.71
N GLU A 193 15.51 -13.25 -1.11
CA GLU A 193 15.96 -11.95 -0.61
CA GLU A 193 15.92 -11.94 -0.61
C GLU A 193 16.11 -10.94 -1.73
N LYS A 194 16.62 -11.39 -2.87
CA LYS A 194 16.85 -10.51 -4.01
C LYS A 194 15.53 -9.98 -4.57
N VAL A 195 14.53 -10.86 -4.66
CA VAL A 195 13.21 -10.42 -5.14
C VAL A 195 12.63 -9.36 -4.21
N GLN A 196 12.73 -9.58 -2.90
CA GLN A 196 12.21 -8.59 -1.95
C GLN A 196 13.00 -7.28 -2.05
N ALA A 197 14.33 -7.37 -2.17
CA ALA A 197 15.13 -6.15 -2.32
C ALA A 197 14.72 -5.36 -3.55
N ASN A 198 14.47 -6.04 -4.66
CA ASN A 198 14.11 -5.34 -5.90
C ASN A 198 12.74 -4.70 -5.78
N VAL A 199 11.79 -5.37 -5.13
CA VAL A 199 10.47 -4.76 -4.99
C VAL A 199 10.52 -3.57 -4.04
N LYS A 200 11.29 -3.67 -2.95
CA LYS A 200 11.52 -2.52 -2.08
C LYS A 200 11.97 -1.31 -2.88
N ASN A 201 12.92 -1.52 -3.78
CA ASN A 201 13.47 -0.41 -4.56
C ASN A 201 12.40 0.23 -5.45
N MET A 202 11.45 -0.55 -5.94
CA MET A 202 10.35 0.01 -6.73
C MET A 202 9.44 0.91 -5.92
N LEU A 203 9.44 0.79 -4.59
CA LEU A 203 8.51 1.50 -3.74
C LEU A 203 9.09 2.78 -3.15
N LEU A 204 10.33 3.13 -3.47
CA LEU A 204 10.94 4.30 -2.86
C LEU A 204 10.23 5.55 -3.34
N LEU A 205 9.78 6.37 -2.39
CA LEU A 205 9.06 7.60 -2.70
C LEU A 205 9.90 8.85 -2.48
N GLU A 206 10.69 8.91 -1.41
CA GLU A 206 11.51 10.09 -1.19
C GLU A 206 12.69 9.73 -0.29
N GLU A 207 13.81 10.41 -0.52
CA GLU A 207 15.01 10.32 0.30
C GLU A 207 15.50 11.71 0.65
N SER A 208 15.71 11.98 1.94
CA SER A 208 16.31 13.25 2.31
C SER A 208 16.86 13.17 3.73
N ASN A 209 18.03 13.79 3.94
CA ASN A 209 18.65 13.90 5.26
C ASN A 209 18.84 12.54 5.94
N GLY A 210 19.08 11.50 5.15
CA GLY A 210 19.29 10.18 5.69
C GLY A 210 18.03 9.38 5.96
N TYR A 211 16.85 9.97 5.80
CA TYR A 211 15.60 9.24 5.87
C TYR A 211 15.20 8.78 4.48
N LYS A 212 14.53 7.63 4.42
CA LYS A 212 13.88 7.13 3.22
C LYS A 212 12.42 6.85 3.54
N ILE A 213 11.52 7.18 2.62
CA ILE A 213 10.11 6.77 2.76
C ILE A 213 9.74 5.96 1.53
N PHE A 214 9.14 4.80 1.78
CA PHE A 214 8.67 3.86 0.78
C PHE A 214 7.17 3.72 0.96
N GLY A 215 6.45 3.46 -0.12
CA GLY A 215 5.03 3.17 0.08
C GLY A 215 4.25 3.07 -1.21
N LYS A 216 3.00 2.67 -1.05
CA LYS A 216 2.09 2.47 -2.17
C LYS A 216 0.73 3.03 -1.80
N THR A 217 0.19 3.92 -2.62
CA THR A 217 -1.17 4.39 -2.38
C THR A 217 -2.16 3.45 -3.04
N GLY A 218 -3.42 3.58 -2.62
CA GLY A 218 -4.51 2.83 -3.22
C GLY A 218 -5.81 3.60 -3.06
N TRP A 219 -6.71 3.42 -4.01
CA TRP A 219 -8.01 4.08 -3.96
C TRP A 219 -8.98 3.24 -4.78
N ALA A 220 -9.90 2.58 -4.09
CA ALA A 220 -10.96 1.80 -4.72
C ALA A 220 -12.20 2.69 -4.80
N MET A 221 -12.52 3.14 -6.01
CA MET A 221 -13.66 4.02 -6.23
CA MET A 221 -13.66 4.02 -6.20
C MET A 221 -14.94 3.28 -6.58
N ASP A 222 -14.84 2.07 -7.11
CA ASP A 222 -16.01 1.35 -7.59
C ASP A 222 -16.79 0.65 -6.47
N ILE A 223 -16.22 0.52 -5.28
CA ILE A 223 -16.93 -0.04 -4.15
C ILE A 223 -17.50 1.11 -3.31
N LYS A 224 -18.49 0.78 -2.48
CA LYS A 224 -19.10 1.76 -1.60
C LYS A 224 -19.14 1.21 -0.18
N PRO A 225 -18.62 1.94 0.79
CA PRO A 225 -17.93 3.22 0.66
C PRO A 225 -16.57 3.07 -0.02
N GLN A 226 -16.01 4.13 -0.60
CA GLN A 226 -14.69 4.04 -1.22
C GLN A 226 -13.63 3.89 -0.14
N VAL A 227 -12.55 3.21 -0.47
CA VAL A 227 -11.47 2.98 0.47
C VAL A 227 -10.17 3.53 -0.10
N GLY A 228 -9.43 4.23 0.75
CA GLY A 228 -8.12 4.76 0.39
C GLY A 228 -7.04 4.17 1.28
N TRP A 229 -5.90 3.89 0.68
CA TRP A 229 -4.76 3.26 1.34
C TRP A 229 -3.50 4.08 1.13
N LEU A 230 -2.61 4.03 2.11
CA LEU A 230 -1.20 4.40 1.90
C LEU A 230 -0.38 3.55 2.85
N THR A 231 0.31 2.56 2.31
CA THR A 231 1.00 1.53 3.08
C THR A 231 2.47 1.55 2.68
N GLY A 232 3.35 1.54 3.68
CA GLY A 232 4.77 1.57 3.37
C GLY A 232 5.61 1.63 4.63
N TRP A 233 6.78 2.27 4.57
CA TRP A 233 7.59 2.38 5.77
C TRP A 233 8.60 3.50 5.62
N VAL A 234 9.13 3.91 6.78
CA VAL A 234 10.21 4.88 6.88
C VAL A 234 11.46 4.13 7.31
N GLU A 235 12.58 4.40 6.66
CA GLU A 235 13.89 3.98 7.15
C GLU A 235 14.57 5.21 7.70
N GLN A 236 14.86 5.20 9.00
CA GLN A 236 15.47 6.34 9.67
C GLN A 236 16.97 6.31 9.45
N PRO A 237 17.68 7.40 9.74
CA PRO A 237 19.12 7.43 9.44
C PRO A 237 19.91 6.31 10.10
N ASP A 238 19.51 5.82 11.28
CA ASP A 238 20.26 4.73 11.89
C ASP A 238 19.83 3.35 11.38
N GLY A 239 18.95 3.30 10.39
CA GLY A 239 18.50 2.06 9.81
C GLY A 239 17.19 1.53 10.39
N LYS A 240 16.66 2.15 11.45
CA LYS A 240 15.43 1.65 12.03
C LYS A 240 14.28 1.76 11.05
N ILE A 241 13.41 0.75 11.05
CA ILE A 241 12.26 0.68 10.15
C ILE A 241 11.00 0.95 10.96
N VAL A 242 10.20 1.91 10.51
CA VAL A 242 8.90 2.20 11.11
C VAL A 242 7.86 2.08 10.00
N ALA A 243 7.06 1.02 10.05
CA ALA A 243 6.09 0.75 9.00
C ALA A 243 4.76 1.42 9.30
N PHE A 244 3.98 1.69 8.25
CA PHE A 244 2.68 2.33 8.41
C PHE A 244 1.67 1.76 7.43
N ALA A 245 0.40 1.76 7.84
CA ALA A 245 -0.69 1.49 6.92
C ALA A 245 -1.80 2.48 7.26
N LEU A 246 -1.99 3.46 6.39
CA LEU A 246 -3.10 4.40 6.51
C LEU A 246 -4.28 3.85 5.72
N ASN A 247 -5.47 3.90 6.32
CA ASN A 247 -6.67 3.39 5.66
C ASN A 247 -7.83 4.30 6.03
N MET A 248 -8.52 4.83 5.01
CA MET A 248 -9.56 5.82 5.28
C MET A 248 -10.68 5.69 4.25
N GLU A 249 -11.85 6.20 4.61
CA GLU A 249 -12.93 6.32 3.65
C GLU A 249 -12.67 7.51 2.74
N MET A 250 -12.76 7.29 1.43
CA MET A 250 -12.59 8.34 0.43
C MET A 250 -13.94 8.79 -0.08
N ARG A 251 -13.96 10.02 -0.60
CA ARG A 251 -15.08 10.55 -1.37
C ARG A 251 -14.52 11.14 -2.67
N SER A 252 -15.36 11.16 -3.71
CA SER A 252 -14.87 11.51 -5.04
C SER A 252 -14.33 12.93 -5.12
N GLU A 253 -14.75 13.80 -4.21
CA GLU A 253 -14.33 15.20 -4.22
CA GLU A 253 -14.33 15.20 -4.22
C GLU A 253 -12.93 15.42 -3.63
N MET A 254 -12.37 14.44 -2.93
CA MET A 254 -11.09 14.66 -2.28
C MET A 254 -9.95 14.67 -3.30
N PRO A 255 -8.92 15.49 -3.07
CA PRO A 255 -7.67 15.30 -3.83
C PRO A 255 -7.01 14.01 -3.40
N ALA A 256 -6.39 13.32 -4.37
CA ALA A 256 -5.66 12.09 -4.04
C ALA A 256 -4.63 12.34 -2.93
N SER A 257 -4.02 13.53 -2.94
CA SER A 257 -2.97 13.89 -2.00
C SER A 257 -3.45 13.99 -0.56
N ILE A 258 -4.75 13.87 -0.31
CA ILE A 258 -5.26 13.93 1.07
C ILE A 258 -4.66 12.81 1.90
N ARG A 259 -4.37 11.67 1.28
CA ARG A 259 -3.76 10.56 1.99
C ARG A 259 -2.32 10.87 2.37
N ASN A 260 -1.57 11.47 1.44
CA ASN A 260 -0.18 11.83 1.70
C ASN A 260 -0.09 12.92 2.76
N GLU A 261 -0.99 13.90 2.71
CA GLU A 261 -0.99 14.97 3.69
C GLU A 261 -1.27 14.43 5.08
N LEU A 262 -2.28 13.56 5.20
CA LEU A 262 -2.60 12.99 6.50
C LEU A 262 -1.45 12.15 7.04
N LEU A 263 -0.81 11.35 6.17
CA LEU A 263 0.28 10.51 6.63
C LEU A 263 1.47 11.34 7.10
N MET A 264 1.89 12.31 6.29
CA MET A 264 3.08 13.07 6.63
C MET A 264 2.87 13.90 7.89
N LYS A 265 1.70 14.55 8.03
CA LYS A 265 1.44 15.30 9.25
C LYS A 265 1.49 14.39 10.47
N SER A 266 0.94 13.18 10.35
CA SER A 266 0.91 12.25 11.47
C SER A 266 2.29 11.70 11.78
N LEU A 267 3.07 11.34 10.76
CA LEU A 267 4.43 10.87 11.01
C LEU A 267 5.26 11.96 11.69
N LYS A 268 5.06 13.22 11.32
CA LYS A 268 5.76 14.31 12.00
C LYS A 268 5.33 14.42 13.45
N GLN A 269 4.01 14.36 13.70
CA GLN A 269 3.52 14.46 15.07
C GLN A 269 4.10 13.36 15.94
N LEU A 270 4.31 12.18 15.38
CA LEU A 270 4.87 11.01 16.08
C LEU A 270 6.39 11.02 16.13
N ASN A 271 7.04 12.03 15.56
CA ASN A 271 8.50 12.14 15.56
C ASN A 271 9.16 10.96 14.87
N ILE A 272 8.43 10.35 13.91
CA ILE A 272 9.03 9.34 13.05
C ILE A 272 9.87 10.00 11.95
N ILE A 273 9.45 11.17 11.50
CA ILE A 273 10.26 12.02 10.62
C ILE A 273 10.31 13.43 11.22
#